data_3OH6
#
_entry.id   3OH6
#
_cell.length_a   140.300
_cell.length_b   140.300
_cell.length_c   94.800
_cell.angle_alpha   90.000
_cell.angle_beta   90.000
_cell.angle_gamma   90.000
#
_symmetry.space_group_name_H-M   'I 41 2 2'
#
loop_
_entity.id
_entity.type
_entity.pdbx_description
1 polymer 'DNA-3-methyladenine glycosylase 2'
2 polymer "5'-D(*GP*CP*AP*TP*TP*CP*AP*TP*GP*TP*C)-3'"
3 polymer "5'-D(*GP*AP*CP*AP*(BRU)P*GP*AP*AP*(BRU)P*GP*CP*C)-3'"
#
loop_
_entity_poly.entity_id
_entity_poly.type
_entity_poly.pdbx_seq_one_letter_code
_entity_poly.pdbx_strand_id
1 'polypeptide(L)'
;MADIGSEFYTLNWQPPYDWSWMLGFLAARAVSSVETVADSYYARSLAVGEYRGVVTAIPDIARHTLHINLSAGLEPVAAE
CLAKMSRLFDLQCNPQIVNGALGRLGAARPGLRLPGCVDAFEQGVRAILGQLVSVAMAAKLTARVAQLYGERLDDFPEYI
CFPTPQRLAAADPQALKALGMPLKRAEALIHLANAALEGTLPMTIPGDVEQAMKTLQTFPGIGRWTANYFALRGWQAKDV
FLPDDCLIKQRFPGMTPAQIRRYAERWKPWRSYALLHIWYTEGWQPDEA
;
A
2 'polydeoxyribonucleotide' (DG)(DC)(DA)(DT)(DT)(DC)(DA)(DT)(DG)(DT)(DC) B
3 'polydeoxyribonucleotide' (DG)(DA)(DC)(DA)(BRU)(DG)(DA)(DA)(BRU)(DG)(DC)(DC) C
#
# COMPACT_ATOMS: atom_id res chain seq x y z
N MET A 1 -6.47 -24.35 -2.04
CA MET A 1 -5.17 -23.68 -2.18
C MET A 1 -4.11 -24.56 -2.87
N ALA A 2 -4.43 -25.04 -4.07
CA ALA A 2 -3.45 -25.74 -4.91
C ALA A 2 -2.56 -24.74 -5.63
N ASP A 3 -1.35 -25.16 -6.00
CA ASP A 3 -0.49 -24.32 -6.80
C ASP A 3 -1.30 -23.72 -7.95
N ILE A 4 -1.11 -22.44 -8.22
CA ILE A 4 -1.78 -21.78 -9.35
C ILE A 4 -0.92 -21.71 -10.62
N GLY A 5 0.33 -22.16 -10.51
CA GLY A 5 1.22 -22.14 -11.65
C GLY A 5 2.34 -23.13 -11.46
N SER A 6 3.06 -23.41 -12.55
CA SER A 6 4.12 -24.39 -12.51
C SER A 6 5.46 -23.73 -12.18
N GLU A 7 5.59 -22.45 -12.47
CA GLU A 7 6.82 -21.75 -12.13
C GLU A 7 6.81 -21.11 -10.71
N PHE A 8 7.92 -21.31 -10.01
CA PHE A 8 8.13 -20.80 -8.66
C PHE A 8 9.41 -19.96 -8.66
N TYR A 9 9.51 -19.06 -7.69
CA TYR A 9 10.60 -18.10 -7.63
C TYR A 9 10.98 -17.83 -6.18
N THR A 10 12.18 -17.34 -5.96
CA THR A 10 12.67 -17.18 -4.61
C THR A 10 13.25 -15.80 -4.39
N LEU A 11 12.73 -15.09 -3.39
CA LEU A 11 13.22 -13.75 -3.09
C LEU A 11 13.85 -13.67 -1.73
N ASN A 12 15.14 -13.36 -1.67
CA ASN A 12 15.81 -13.28 -0.38
C ASN A 12 15.44 -12.00 0.38
N TRP A 13 15.37 -12.06 1.71
CA TRP A 13 15.13 -10.87 2.54
C TRP A 13 16.06 -10.82 3.75
N GLN A 14 16.34 -9.61 4.23
CA GLN A 14 17.25 -9.36 5.37
C GLN A 14 16.53 -9.38 6.73
N PRO A 15 16.84 -10.37 7.58
CA PRO A 15 16.21 -10.49 8.90
C PRO A 15 16.63 -9.34 9.83
N PRO A 16 15.81 -9.01 10.82
CA PRO A 16 14.49 -9.57 11.18
C PRO A 16 13.35 -9.08 10.30
N TYR A 17 12.20 -9.75 10.40
CA TYR A 17 11.05 -9.41 9.60
C TYR A 17 9.81 -10.04 10.20
N ASP A 18 8.91 -9.20 10.70
CA ASP A 18 7.68 -9.65 11.35
C ASP A 18 6.63 -9.96 10.29
N TRP A 19 6.57 -11.23 9.87
CA TRP A 19 5.60 -11.65 8.86
C TRP A 19 4.19 -11.72 9.44
N SER A 20 4.08 -12.21 10.66
CA SER A 20 2.81 -12.23 11.37
C SER A 20 2.10 -10.90 11.20
N TRP A 21 2.83 -9.82 11.42
CA TRP A 21 2.24 -8.48 11.42
C TRP A 21 1.96 -7.95 10.01
N MET A 22 2.92 -8.14 9.12
CA MET A 22 2.77 -7.77 7.73
C MET A 22 1.49 -8.35 7.15
N LEU A 23 1.40 -9.67 7.11
CA LEU A 23 0.23 -10.32 6.51
C LEU A 23 -1.01 -10.01 7.31
N GLY A 24 -0.81 -9.69 8.59
CA GLY A 24 -1.92 -9.32 9.47
C GLY A 24 -2.50 -8.07 8.86
N PHE A 25 -1.62 -7.09 8.68
CA PHE A 25 -1.95 -5.78 8.17
C PHE A 25 -2.60 -5.86 6.80
N LEU A 26 -2.00 -6.66 5.93
CA LEU A 26 -2.52 -6.78 4.57
C LEU A 26 -3.86 -7.51 4.50
N ALA A 27 -4.19 -8.31 5.50
CA ALA A 27 -5.44 -9.08 5.46
C ALA A 27 -6.63 -8.23 5.87
N ALA A 28 -6.38 -7.24 6.73
CA ALA A 28 -7.44 -6.36 7.18
C ALA A 28 -7.94 -5.42 6.06
N ARG A 29 -7.12 -5.27 5.02
CA ARG A 29 -7.41 -4.36 3.91
C ARG A 29 -7.64 -5.13 2.63
N ALA A 30 -7.37 -6.43 2.67
CA ALA A 30 -7.61 -7.33 1.55
C ALA A 30 -8.96 -7.07 0.86
N VAL A 31 -8.93 -6.77 -0.43
CA VAL A 31 -10.16 -6.54 -1.17
C VAL A 31 -10.75 -7.85 -1.71
N SER A 32 -11.90 -8.22 -1.16
CA SER A 32 -12.58 -9.47 -1.51
C SER A 32 -12.65 -9.71 -3.04
N SER A 33 -12.17 -10.87 -3.46
CA SER A 33 -12.21 -11.31 -4.87
C SER A 33 -11.00 -10.85 -5.68
N VAL A 34 -10.33 -9.81 -5.18
CA VAL A 34 -9.08 -9.33 -5.77
C VAL A 34 -7.89 -10.06 -5.13
N GLU A 35 -7.93 -10.15 -3.80
CA GLU A 35 -6.83 -10.75 -3.07
C GLU A 35 -7.31 -11.60 -1.88
N THR A 36 -6.55 -12.63 -1.54
CA THR A 36 -6.86 -13.46 -0.37
C THR A 36 -5.66 -13.63 0.58
N VAL A 37 -5.84 -13.26 1.85
CA VAL A 37 -4.76 -13.37 2.83
C VAL A 37 -5.09 -14.36 3.95
N ALA A 38 -4.11 -15.17 4.31
CA ALA A 38 -4.25 -16.17 5.37
C ALA A 38 -2.99 -16.22 6.23
N ASP A 39 -2.82 -17.33 6.95
CA ASP A 39 -1.70 -17.55 7.90
C ASP A 39 -0.34 -17.11 7.39
N SER A 40 0.14 -17.79 6.36
CA SER A 40 1.43 -17.47 5.81
C SER A 40 1.22 -17.56 4.34
N TYR A 41 0.13 -16.93 3.91
CA TYR A 41 -0.30 -17.01 2.54
C TYR A 41 -0.76 -15.64 2.08
N TYR A 42 -0.31 -15.21 0.91
CA TYR A 42 -0.84 -14.02 0.26
C TYR A 42 -0.96 -14.30 -1.22
N ALA A 43 -2.16 -14.14 -1.76
CA ALA A 43 -2.42 -14.32 -3.19
C ALA A 43 -3.24 -13.14 -3.70
N ARG A 44 -3.14 -12.84 -5.00
CA ARG A 44 -3.91 -11.74 -5.57
C ARG A 44 -3.84 -11.73 -7.10
N SER A 45 -4.86 -11.17 -7.73
CA SER A 45 -4.82 -10.98 -9.17
C SER A 45 -3.69 -9.99 -9.45
N LEU A 46 -3.24 -9.94 -10.69
CA LEU A 46 -2.12 -9.07 -11.03
C LEU A 46 -2.09 -8.79 -12.53
N ALA A 47 -2.05 -7.53 -12.91
CA ALA A 47 -1.79 -7.16 -14.29
C ALA A 47 -0.42 -6.49 -14.45
N VAL A 48 0.27 -6.83 -15.53
CA VAL A 48 1.58 -6.29 -15.83
C VAL A 48 1.54 -5.97 -17.30
N GLY A 49 1.26 -4.72 -17.63
CA GLY A 49 0.98 -4.35 -19.00
C GLY A 49 -0.19 -5.16 -19.53
N GLU A 50 0.03 -5.84 -20.65
CA GLU A 50 -1.04 -6.59 -21.31
C GLU A 50 -1.31 -7.93 -20.63
N TYR A 51 -0.36 -8.39 -19.82
CA TYR A 51 -0.40 -9.73 -19.23
C TYR A 51 -1.21 -9.77 -17.93
N ARG A 52 -1.91 -10.88 -17.75
CA ARG A 52 -2.82 -11.10 -16.61
C ARG A 52 -2.50 -12.43 -15.95
N GLY A 53 -2.64 -12.50 -14.63
CA GLY A 53 -2.38 -13.75 -13.93
C GLY A 53 -2.56 -13.68 -12.43
N VAL A 54 -2.12 -14.73 -11.75
CA VAL A 54 -2.23 -14.80 -10.29
C VAL A 54 -0.86 -14.99 -9.66
N VAL A 55 -0.59 -14.24 -8.59
CA VAL A 55 0.68 -14.34 -7.88
C VAL A 55 0.38 -14.73 -6.43
N THR A 56 1.11 -15.71 -5.91
CA THR A 56 1.03 -16.03 -4.49
C THR A 56 2.40 -15.94 -3.86
N ALA A 57 2.41 -15.49 -2.61
CA ALA A 57 3.63 -15.24 -1.87
C ALA A 57 3.54 -15.98 -0.55
N ILE A 58 4.49 -16.88 -0.30
CA ILE A 58 4.57 -17.57 0.98
C ILE A 58 5.92 -17.42 1.65
N PRO A 59 5.95 -16.80 2.84
CA PRO A 59 7.24 -16.58 3.51
C PRO A 59 7.82 -17.90 4.01
N ASP A 60 9.14 -17.95 4.12
CA ASP A 60 9.83 -19.10 4.67
C ASP A 60 10.80 -18.53 5.69
N ILE A 61 10.34 -18.43 6.93
CA ILE A 61 11.07 -17.73 7.97
C ILE A 61 12.50 -18.25 8.15
N ALA A 62 12.64 -19.56 8.23
CA ALA A 62 13.94 -20.18 8.51
C ALA A 62 15.01 -19.90 7.45
N ARG A 63 14.70 -20.16 6.19
CA ARG A 63 15.65 -19.93 5.10
C ARG A 63 15.66 -18.44 4.73
N HIS A 64 14.94 -17.67 5.53
CA HIS A 64 14.70 -16.24 5.27
C HIS A 64 14.50 -15.87 3.79
N THR A 65 13.53 -16.53 3.15
CA THR A 65 13.17 -16.19 1.78
C THR A 65 11.66 -16.11 1.60
N LEU A 66 11.23 -15.64 0.43
CA LEU A 66 9.81 -15.53 0.10
C LEU A 66 9.54 -16.30 -1.20
N HIS A 67 8.64 -17.29 -1.14
CA HIS A 67 8.35 -18.17 -2.27
C HIS A 67 7.25 -17.60 -3.14
N ILE A 68 7.48 -17.58 -4.45
CA ILE A 68 6.54 -16.93 -5.35
C ILE A 68 6.08 -17.89 -6.43
N ASN A 69 4.78 -17.93 -6.64
CA ASN A 69 4.17 -18.79 -7.64
C ASN A 69 3.42 -17.91 -8.66
N LEU A 70 3.54 -18.22 -9.96
CA LEU A 70 2.91 -17.37 -10.99
C LEU A 70 2.06 -18.12 -12.02
N SER A 71 0.85 -17.60 -12.24
CA SER A 71 -0.03 -18.12 -13.28
C SER A 71 0.75 -18.13 -14.60
N ALA A 72 0.41 -19.05 -15.49
CA ALA A 72 1.20 -19.20 -16.72
C ALA A 72 1.17 -17.93 -17.59
N GLY A 73 0.17 -17.09 -17.40
CA GLY A 73 0.10 -15.88 -18.20
C GLY A 73 1.03 -14.76 -17.72
N LEU A 74 1.63 -14.94 -16.54
CA LEU A 74 2.51 -13.90 -16.00
C LEU A 74 3.98 -14.20 -16.26
N GLU A 75 4.25 -15.41 -16.75
CA GLU A 75 5.62 -15.86 -17.03
C GLU A 75 6.47 -14.82 -17.78
N PRO A 76 5.92 -14.25 -18.87
CA PRO A 76 6.75 -13.40 -19.73
C PRO A 76 7.17 -12.12 -19.03
N VAL A 77 6.47 -11.77 -17.95
CA VAL A 77 6.79 -10.56 -17.21
C VAL A 77 7.12 -10.86 -15.75
N ALA A 78 7.60 -12.08 -15.50
CA ALA A 78 7.97 -12.52 -14.16
C ALA A 78 8.85 -11.51 -13.42
N ALA A 79 9.92 -11.06 -14.08
CA ALA A 79 10.83 -10.08 -13.46
C ALA A 79 10.06 -8.91 -12.86
N GLU A 80 9.09 -8.38 -13.60
CA GLU A 80 8.35 -7.21 -13.11
C GLU A 80 7.35 -7.59 -12.03
N CYS A 81 6.72 -8.75 -12.14
CA CYS A 81 5.91 -9.27 -11.03
C CYS A 81 6.73 -9.38 -9.73
N LEU A 82 7.96 -9.90 -9.84
CA LEU A 82 8.81 -10.02 -8.65
C LEU A 82 9.19 -8.65 -8.05
N ALA A 83 9.20 -7.61 -8.89
CA ALA A 83 9.53 -6.28 -8.42
C ALA A 83 8.34 -5.67 -7.69
N LYS A 84 7.14 -6.06 -8.11
CA LYS A 84 5.93 -5.60 -7.45
C LYS A 84 5.83 -6.26 -6.09
N MET A 85 6.02 -7.57 -6.06
CA MET A 85 6.03 -8.29 -4.79
C MET A 85 7.08 -7.68 -3.87
N SER A 86 8.25 -7.35 -4.41
CA SER A 86 9.31 -6.75 -3.60
C SER A 86 8.87 -5.44 -2.99
N ARG A 87 8.23 -4.61 -3.81
CA ARG A 87 7.77 -3.28 -3.43
C ARG A 87 6.57 -3.39 -2.49
N LEU A 88 5.70 -4.36 -2.75
CA LEU A 88 4.58 -4.63 -1.86
C LEU A 88 5.09 -5.04 -0.49
N PHE A 89 6.09 -5.93 -0.47
CA PHE A 89 6.55 -6.48 0.80
C PHE A 89 7.72 -5.78 1.48
N ASP A 90 8.32 -4.80 0.80
CA ASP A 90 9.44 -4.05 1.36
C ASP A 90 10.64 -4.97 1.58
N LEU A 91 10.97 -5.76 0.56
CA LEU A 91 11.99 -6.78 0.71
C LEU A 91 13.43 -6.24 0.73
N GLN A 92 13.66 -5.13 0.05
CA GLN A 92 15.02 -4.59 -0.05
C GLN A 92 15.44 -3.74 1.15
N CYS A 93 14.58 -3.66 2.15
CA CYS A 93 14.86 -2.88 3.36
C CYS A 93 16.10 -3.39 4.10
N ASN A 94 16.88 -2.46 4.69
CA ASN A 94 18.01 -2.84 5.55
C ASN A 94 17.68 -2.55 7.00
N PRO A 95 17.01 -3.50 7.68
CA PRO A 95 16.50 -3.31 9.04
C PRO A 95 17.55 -2.76 9.98
N GLN A 96 18.81 -3.20 9.86
CA GLN A 96 19.83 -2.68 10.77
C GLN A 96 20.07 -1.18 10.57
N ILE A 97 20.22 -0.77 9.31
CA ILE A 97 20.42 0.65 9.01
C ILE A 97 19.27 1.52 9.54
N VAL A 98 18.04 1.09 9.29
CA VAL A 98 16.84 1.75 9.80
C VAL A 98 16.74 1.73 11.33
N ASN A 99 16.73 0.53 11.90
CA ASN A 99 16.51 0.33 13.33
C ASN A 99 17.56 1.01 14.19
N GLY A 100 18.77 1.15 13.66
CA GLY A 100 19.83 1.83 14.37
C GLY A 100 19.51 3.30 14.41
N ALA A 101 19.04 3.81 13.25
CA ALA A 101 18.67 5.20 13.07
C ALA A 101 17.38 5.60 13.79
N LEU A 102 16.56 4.62 14.17
CA LEU A 102 15.36 4.89 14.98
C LEU A 102 15.66 4.89 16.48
N GLY A 103 16.70 4.16 16.88
CA GLY A 103 17.05 4.09 18.29
C GLY A 103 15.99 3.37 19.10
N ARG A 104 15.54 4.00 20.18
CA ARG A 104 14.59 3.38 21.09
C ARG A 104 13.23 3.11 20.44
N LEU A 105 12.88 3.94 19.47
CA LEU A 105 11.61 3.80 18.75
C LEU A 105 11.52 2.46 18.03
N GLY A 106 12.67 1.94 17.61
CA GLY A 106 12.68 0.69 16.86
C GLY A 106 12.83 -0.56 17.71
N ALA A 107 13.28 -0.41 18.94
CA ALA A 107 13.66 -1.55 19.77
C ALA A 107 12.59 -2.63 19.96
N ALA A 108 11.31 -2.26 20.03
CA ALA A 108 10.26 -3.20 20.39
C ALA A 108 9.82 -4.08 19.22
N ARG A 109 9.62 -3.46 18.06
CA ARG A 109 9.13 -4.16 16.89
C ARG A 109 10.04 -3.94 15.69
N PRO A 110 11.27 -4.48 15.76
CA PRO A 110 12.25 -4.35 14.66
C PRO A 110 11.80 -5.05 13.35
N GLY A 111 10.83 -5.96 13.46
CA GLY A 111 10.36 -6.68 12.28
C GLY A 111 9.38 -5.91 11.44
N LEU A 112 9.04 -4.70 11.85
CA LEU A 112 8.09 -3.88 11.08
C LEU A 112 8.68 -3.47 9.74
N ARG A 113 7.84 -3.54 8.71
CA ARG A 113 8.23 -3.10 7.37
C ARG A 113 7.22 -2.10 6.87
N LEU A 114 7.46 -1.57 5.67
CA LEU A 114 6.55 -0.62 5.02
C LEU A 114 5.65 -1.34 4.03
N PRO A 115 4.38 -1.59 4.41
CA PRO A 115 3.51 -2.33 3.50
C PRO A 115 3.25 -1.49 2.27
N GLY A 116 3.70 -1.97 1.11
CA GLY A 116 3.60 -1.22 -0.12
C GLY A 116 2.40 -1.59 -0.98
N CYS A 117 2.61 -1.70 -2.28
CA CYS A 117 1.51 -1.98 -3.20
C CYS A 117 2.01 -2.61 -4.50
N VAL A 118 1.08 -2.97 -5.36
CA VAL A 118 1.42 -3.65 -6.58
C VAL A 118 1.25 -2.65 -7.71
N ASP A 119 0.62 -1.53 -7.40
CA ASP A 119 0.22 -0.56 -8.41
C ASP A 119 -0.12 0.79 -7.79
N ALA A 120 0.50 1.83 -8.34
CA ALA A 120 0.41 3.17 -7.77
C ALA A 120 -1.01 3.75 -7.88
N PHE A 121 -1.70 3.45 -8.97
CA PHE A 121 -3.08 3.89 -9.13
C PHE A 121 -3.97 3.18 -8.13
N GLU A 122 -3.98 1.86 -8.17
CA GLU A 122 -4.76 1.09 -7.19
C GLU A 122 -4.61 1.67 -5.79
N GLN A 123 -3.36 1.88 -5.37
CA GLN A 123 -3.14 2.52 -4.08
C GLN A 123 -3.87 3.87 -3.98
N GLY A 124 -3.82 4.66 -5.06
CA GLY A 124 -4.50 5.95 -5.12
C GLY A 124 -6.00 5.91 -4.89
N VAL A 125 -6.66 5.01 -5.61
CA VAL A 125 -8.05 4.66 -5.36
C VAL A 125 -8.27 4.34 -3.88
N ARG A 126 -7.44 3.45 -3.33
CA ARG A 126 -7.56 3.04 -1.93
C ARG A 126 -7.46 4.22 -1.00
N ALA A 127 -6.34 4.94 -1.05
CA ALA A 127 -6.10 6.07 -0.15
C ALA A 127 -7.33 6.96 -0.04
N ILE A 128 -8.02 7.13 -1.17
CA ILE A 128 -9.22 7.96 -1.20
C ILE A 128 -10.39 7.23 -0.55
N LEU A 129 -10.75 6.08 -1.09
CA LEU A 129 -11.91 5.34 -0.61
C LEU A 129 -11.84 5.09 0.90
N GLY A 130 -10.63 4.87 1.43
CA GLY A 130 -10.47 4.58 2.84
C GLY A 130 -10.24 5.84 3.67
N GLN A 131 -10.73 6.96 3.15
CA GLN A 131 -10.41 8.29 3.67
C GLN A 131 -10.96 8.62 5.07
N LEU A 132 -12.27 8.49 5.25
CA LEU A 132 -12.92 8.88 6.50
C LEU A 132 -13.62 7.72 7.19
N VAL A 133 -13.50 6.53 6.61
CA VAL A 133 -14.18 5.35 7.10
C VAL A 133 -13.22 4.36 7.76
N SER A 134 -13.75 3.48 8.61
CA SER A 134 -12.94 2.46 9.24
C SER A 134 -12.15 1.65 8.20
N VAL A 135 -11.09 0.99 8.65
CA VAL A 135 -10.29 0.13 7.78
C VAL A 135 -11.20 -0.90 7.09
N ALA A 136 -12.10 -1.50 7.88
CA ALA A 136 -12.94 -2.59 7.40
C ALA A 136 -14.03 -2.10 6.46
N MET A 137 -14.57 -0.93 6.75
CA MET A 137 -15.62 -0.36 5.92
C MET A 137 -15.05 -0.07 4.53
N ALA A 138 -13.84 0.47 4.50
CA ALA A 138 -13.14 0.79 3.25
C ALA A 138 -12.90 -0.42 2.34
N ALA A 139 -12.70 -1.58 2.95
CA ALA A 139 -12.46 -2.81 2.19
C ALA A 139 -13.73 -3.36 1.52
N LYS A 140 -14.88 -3.20 2.18
CA LYS A 140 -16.14 -3.66 1.62
C LYS A 140 -16.48 -2.78 0.43
N LEU A 141 -16.37 -1.48 0.65
CA LEU A 141 -16.59 -0.49 -0.38
C LEU A 141 -15.76 -0.82 -1.63
N THR A 142 -14.45 -1.02 -1.43
CA THR A 142 -13.56 -1.32 -2.55
C THR A 142 -13.93 -2.63 -3.23
N ALA A 143 -14.44 -3.59 -2.46
CA ALA A 143 -14.90 -4.84 -3.03
C ALA A 143 -15.99 -4.56 -4.05
N ARG A 144 -16.98 -3.76 -3.62
CA ARG A 144 -18.12 -3.45 -4.46
C ARG A 144 -17.71 -2.75 -5.75
N VAL A 145 -16.80 -1.79 -5.62
CA VAL A 145 -16.23 -1.10 -6.79
C VAL A 145 -15.57 -2.07 -7.77
N ALA A 146 -14.62 -2.87 -7.29
CA ALA A 146 -13.92 -3.81 -8.13
C ALA A 146 -14.93 -4.77 -8.77
N GLN A 147 -15.89 -5.20 -7.95
CA GLN A 147 -16.97 -6.07 -8.43
C GLN A 147 -17.61 -5.48 -9.68
N LEU A 148 -17.84 -4.17 -9.64
CA LEU A 148 -18.46 -3.47 -10.76
C LEU A 148 -17.50 -3.27 -11.94
N TYR A 149 -16.37 -2.59 -11.70
CA TYR A 149 -15.45 -2.21 -12.78
C TYR A 149 -14.23 -3.11 -12.94
N GLY A 150 -14.15 -4.19 -12.18
CA GLY A 150 -13.03 -5.11 -12.26
C GLY A 150 -13.17 -6.14 -13.36
N GLU A 151 -12.06 -6.45 -14.03
CA GLU A 151 -12.04 -7.44 -15.10
C GLU A 151 -11.76 -8.82 -14.53
N ARG A 152 -12.59 -9.81 -14.85
CA ARG A 152 -12.37 -11.17 -14.37
C ARG A 152 -11.20 -11.81 -15.10
N LEU A 153 -10.64 -12.88 -14.53
CA LEU A 153 -9.53 -13.60 -15.14
C LEU A 153 -9.98 -14.81 -15.96
N ASP A 154 -9.46 -14.94 -17.17
CA ASP A 154 -9.90 -15.97 -18.12
C ASP A 154 -9.53 -17.36 -17.65
N ASP A 155 -8.47 -17.42 -16.84
CA ASP A 155 -7.95 -18.68 -16.34
C ASP A 155 -8.24 -18.91 -14.85
N PHE A 156 -8.60 -17.85 -14.13
CA PHE A 156 -8.96 -17.97 -12.72
C PHE A 156 -10.18 -17.11 -12.36
N PRO A 157 -11.39 -17.60 -12.72
CA PRO A 157 -12.68 -16.92 -12.57
C PRO A 157 -12.93 -16.37 -11.17
N GLU A 158 -12.42 -17.05 -10.15
CA GLU A 158 -12.59 -16.58 -8.78
C GLU A 158 -12.02 -15.17 -8.63
N TYR A 159 -10.94 -14.87 -9.36
CA TYR A 159 -10.24 -13.59 -9.19
C TYR A 159 -10.62 -12.54 -10.22
N ILE A 160 -10.65 -11.29 -9.80
CA ILE A 160 -10.77 -10.19 -10.75
C ILE A 160 -9.68 -9.17 -10.50
N CYS A 161 -9.23 -8.51 -11.55
CA CYS A 161 -8.23 -7.46 -11.44
C CYS A 161 -8.84 -6.16 -10.95
N PHE A 162 -8.07 -5.44 -10.13
CA PHE A 162 -8.47 -4.10 -9.74
C PHE A 162 -8.76 -3.33 -11.02
N PRO A 163 -9.85 -2.53 -11.01
CA PRO A 163 -10.25 -1.75 -12.19
C PRO A 163 -9.13 -0.81 -12.68
N THR A 164 -8.94 -0.78 -13.98
CA THR A 164 -7.89 0.01 -14.61
C THR A 164 -8.21 1.50 -14.55
N PRO A 165 -7.23 2.37 -14.88
CA PRO A 165 -7.49 3.80 -15.04
C PRO A 165 -8.56 4.05 -16.09
N GLN A 166 -8.61 3.20 -17.12
CA GLN A 166 -9.63 3.32 -18.14
C GLN A 166 -11.04 3.19 -17.57
N ARG A 167 -11.55 1.98 -17.43
CA ARG A 167 -12.96 1.82 -17.03
C ARG A 167 -13.33 2.50 -15.71
N LEU A 168 -12.35 3.09 -15.03
CA LEU A 168 -12.64 3.79 -13.80
C LEU A 168 -12.86 5.26 -14.11
N ALA A 169 -11.98 5.84 -14.91
CA ALA A 169 -12.14 7.23 -15.33
C ALA A 169 -13.47 7.45 -16.03
N ALA A 170 -13.82 6.52 -16.92
CA ALA A 170 -15.07 6.58 -17.66
C ALA A 170 -16.22 5.93 -16.89
N ALA A 171 -16.43 6.35 -15.65
CA ALA A 171 -17.48 5.77 -14.84
C ALA A 171 -18.49 6.81 -14.39
N ASP A 172 -19.77 6.43 -14.41
CA ASP A 172 -20.84 7.29 -13.97
C ASP A 172 -20.69 7.65 -12.48
N PRO A 173 -20.32 8.91 -12.19
CA PRO A 173 -20.10 9.37 -10.81
C PRO A 173 -21.27 9.02 -9.90
N GLN A 174 -22.41 8.68 -10.50
CA GLN A 174 -23.62 8.43 -9.75
C GLN A 174 -23.70 6.94 -9.39
N ALA A 175 -23.26 6.10 -10.32
CA ALA A 175 -23.10 4.68 -10.08
C ALA A 175 -22.17 4.42 -8.90
N LEU A 176 -21.07 5.16 -8.84
CA LEU A 176 -20.10 5.06 -7.74
C LEU A 176 -20.69 5.53 -6.41
N LYS A 177 -21.36 6.68 -6.44
CA LYS A 177 -21.98 7.21 -5.23
C LYS A 177 -22.98 6.20 -4.65
N ALA A 178 -23.62 5.45 -5.53
CA ALA A 178 -24.65 4.49 -5.13
C ALA A 178 -24.04 3.23 -4.51
N LEU A 179 -22.72 3.17 -4.49
CA LEU A 179 -22.03 2.04 -3.88
C LEU A 179 -21.68 2.37 -2.44
N GLY A 180 -21.80 3.63 -2.07
CA GLY A 180 -21.66 4.00 -0.68
C GLY A 180 -20.61 5.05 -0.39
N MET A 181 -20.54 6.07 -1.24
CA MET A 181 -19.62 7.18 -1.02
C MET A 181 -20.24 8.52 -1.44
N PRO A 182 -19.77 9.62 -0.84
CA PRO A 182 -20.20 10.96 -1.25
C PRO A 182 -19.98 11.13 -2.73
N LEU A 183 -20.58 12.17 -3.32
CA LEU A 183 -20.36 12.44 -4.74
C LEU A 183 -18.94 12.99 -4.96
N LYS A 184 -18.51 13.86 -4.05
CA LYS A 184 -17.20 14.50 -4.19
C LYS A 184 -16.07 13.48 -4.14
N ARG A 185 -16.38 12.28 -3.67
CA ARG A 185 -15.39 11.20 -3.61
C ARG A 185 -15.42 10.40 -4.90
N ALA A 186 -16.61 10.12 -5.41
CA ALA A 186 -16.72 9.46 -6.71
C ALA A 186 -16.02 10.28 -7.78
N GLU A 187 -15.79 11.56 -7.47
CA GLU A 187 -15.14 12.47 -8.42
C GLU A 187 -13.61 12.49 -8.26
N ALA A 188 -13.13 12.36 -7.03
CA ALA A 188 -11.70 12.23 -6.78
C ALA A 188 -11.17 11.00 -7.52
N LEU A 189 -11.89 9.89 -7.39
CA LEU A 189 -11.54 8.68 -8.14
C LEU A 189 -11.41 8.97 -9.62
N ILE A 190 -12.45 9.59 -10.15
CA ILE A 190 -12.48 9.89 -11.57
C ILE A 190 -11.36 10.86 -11.94
N HIS A 191 -11.12 11.87 -11.10
CA HIS A 191 -10.03 12.79 -11.40
C HIS A 191 -8.68 12.08 -11.33
N LEU A 192 -8.56 11.12 -10.41
CA LEU A 192 -7.37 10.29 -10.35
C LEU A 192 -7.27 9.40 -11.59
N ALA A 193 -8.28 8.57 -11.81
CA ALA A 193 -8.27 7.65 -12.95
C ALA A 193 -7.85 8.40 -14.19
N ASN A 194 -8.20 9.67 -14.23
CA ASN A 194 -7.89 10.54 -15.35
C ASN A 194 -6.41 10.92 -15.36
N ALA A 195 -5.96 11.47 -14.23
CA ALA A 195 -4.55 11.82 -14.06
C ALA A 195 -3.67 10.65 -14.48
N ALA A 196 -4.19 9.44 -14.34
CA ALA A 196 -3.43 8.24 -14.68
C ALA A 196 -3.16 8.13 -16.17
N LEU A 197 -4.20 8.27 -17.00
CA LEU A 197 -4.07 8.05 -18.44
C LEU A 197 -3.26 9.15 -19.13
N GLU A 198 -3.26 10.34 -18.52
CA GLU A 198 -2.50 11.45 -19.07
C GLU A 198 -1.25 11.69 -18.22
N GLY A 199 -0.57 10.60 -17.88
CA GLY A 199 0.69 10.63 -17.14
C GLY A 199 0.82 11.70 -16.06
N THR A 200 -0.30 12.17 -15.56
CA THR A 200 -0.33 13.27 -14.60
C THR A 200 -0.13 12.78 -13.17
N LEU A 201 -0.33 11.48 -12.97
CA LEU A 201 0.01 10.80 -11.71
C LEU A 201 1.23 9.92 -11.88
N PRO A 202 2.31 10.26 -11.17
CA PRO A 202 3.56 9.50 -11.21
C PRO A 202 3.32 8.05 -10.76
N MET A 203 3.57 7.10 -11.66
CA MET A 203 3.36 5.69 -11.36
C MET A 203 4.56 5.06 -10.65
N THR A 204 5.55 5.88 -10.37
CA THR A 204 6.72 5.44 -9.62
C THR A 204 7.26 6.56 -8.76
N ILE A 205 8.02 6.18 -7.72
CA ILE A 205 8.54 7.16 -6.78
C ILE A 205 9.37 8.18 -7.55
N PRO A 206 8.83 9.40 -7.67
CA PRO A 206 9.46 10.48 -8.42
C PRO A 206 10.70 11.01 -7.68
N GLY A 207 11.51 11.81 -8.37
CA GLY A 207 12.72 12.39 -7.81
C GLY A 207 12.50 13.24 -6.57
N ASP A 208 11.74 14.32 -6.71
CA ASP A 208 11.43 15.17 -5.56
C ASP A 208 10.11 14.73 -4.98
N VAL A 209 10.14 14.05 -3.84
CA VAL A 209 8.88 13.55 -3.27
C VAL A 209 8.01 14.68 -2.74
N GLU A 210 8.58 15.50 -1.87
CA GLU A 210 7.85 16.63 -1.29
C GLU A 210 7.16 17.49 -2.35
N GLN A 211 7.88 17.74 -3.43
CA GLN A 211 7.36 18.52 -4.55
C GLN A 211 6.19 17.83 -5.24
N ALA A 212 6.27 16.51 -5.37
CA ALA A 212 5.24 15.75 -6.06
C ALA A 212 3.98 15.58 -5.21
N MET A 213 4.10 15.88 -3.92
CA MET A 213 2.96 15.80 -3.00
C MET A 213 2.21 17.12 -2.99
N LYS A 214 2.94 18.21 -3.09
CA LYS A 214 2.33 19.51 -3.32
C LYS A 214 1.37 19.35 -4.49
N THR A 215 1.91 18.90 -5.61
CA THR A 215 1.12 18.71 -6.83
C THR A 215 -0.14 17.87 -6.62
N LEU A 216 -0.04 16.87 -5.74
CA LEU A 216 -1.17 16.00 -5.41
C LEU A 216 -2.28 16.71 -4.66
N GLN A 217 -1.91 17.43 -3.60
CA GLN A 217 -2.91 18.09 -2.76
C GLN A 217 -3.81 19.04 -3.56
N THR A 218 -3.35 19.44 -4.75
CA THR A 218 -4.14 20.32 -5.61
C THR A 218 -5.26 19.52 -6.25
N PHE A 219 -5.18 18.20 -6.18
CA PHE A 219 -6.30 17.39 -6.61
C PHE A 219 -7.46 17.60 -5.65
N PRO A 220 -8.67 17.34 -6.15
CA PRO A 220 -9.94 17.32 -5.40
C PRO A 220 -10.06 16.04 -4.56
N GLY A 221 -10.45 16.19 -3.30
CA GLY A 221 -10.57 15.06 -2.41
C GLY A 221 -9.27 14.69 -1.70
N ILE A 222 -8.17 15.25 -2.18
CA ILE A 222 -6.84 14.91 -1.69
C ILE A 222 -6.15 16.07 -0.94
N GLY A 223 -5.92 15.88 0.35
CA GLY A 223 -5.28 16.91 1.15
C GLY A 223 -3.88 16.52 1.61
N ARG A 224 -3.35 17.21 2.61
CA ARG A 224 -2.02 16.87 3.11
C ARG A 224 -1.97 15.42 3.56
N TRP A 225 -2.92 15.03 4.38
CA TRP A 225 -2.94 13.66 4.89
C TRP A 225 -3.06 12.62 3.77
N THR A 226 -4.16 12.64 3.02
CA THR A 226 -4.36 11.63 1.99
C THR A 226 -3.18 11.53 1.02
N ALA A 227 -2.47 12.64 0.83
CA ALA A 227 -1.36 12.68 -0.12
C ALA A 227 -0.06 12.16 0.49
N ASN A 228 0.07 12.27 1.81
CA ASN A 228 1.20 11.69 2.51
C ASN A 228 1.04 10.18 2.55
N TYR A 229 -0.01 9.71 3.21
CA TYR A 229 -0.29 8.29 3.30
C TYR A 229 -0.28 7.59 1.94
N PHE A 230 -0.38 8.34 0.85
CA PHE A 230 -0.25 7.73 -0.47
C PHE A 230 1.22 7.56 -0.82
N ALA A 231 2.00 8.61 -0.65
CA ALA A 231 3.43 8.58 -0.96
C ALA A 231 4.08 7.41 -0.22
N LEU A 232 3.61 7.19 1.00
CA LEU A 232 4.10 6.10 1.83
C LEU A 232 3.79 4.74 1.24
N ARG A 233 2.53 4.48 0.91
CA ARG A 233 2.11 3.16 0.45
C ARG A 233 2.24 3.04 -1.07
N GLY A 234 2.05 4.15 -1.77
CA GLY A 234 2.04 4.17 -3.23
C GLY A 234 3.40 4.25 -3.89
N TRP A 235 4.26 5.14 -3.38
CA TRP A 235 5.63 5.23 -3.88
C TRP A 235 6.64 4.53 -2.93
N GLN A 236 6.12 3.99 -1.83
CA GLN A 236 6.98 3.46 -0.80
C GLN A 236 8.06 4.49 -0.46
N ALA A 237 7.64 5.73 -0.27
CA ALA A 237 8.54 6.78 0.18
C ALA A 237 8.87 6.46 1.62
N LYS A 238 10.17 6.37 1.92
CA LYS A 238 10.59 6.01 3.27
C LYS A 238 10.85 7.22 4.19
N ASP A 239 10.89 8.42 3.60
CA ASP A 239 11.14 9.61 4.41
C ASP A 239 9.94 10.58 4.48
N VAL A 240 8.82 10.07 4.97
CA VAL A 240 7.59 10.84 5.03
C VAL A 240 6.98 10.75 6.42
N PHE A 241 6.47 11.87 6.91
CA PHE A 241 5.91 11.93 8.24
C PHE A 241 4.64 12.78 8.29
N LEU A 242 3.58 12.22 8.87
CA LEU A 242 2.29 12.90 9.03
C LEU A 242 2.11 13.39 10.46
N PRO A 243 2.59 14.60 10.75
CA PRO A 243 2.47 15.21 12.09
C PRO A 243 1.03 15.61 12.40
N ASP A 244 0.15 15.39 11.43
CA ASP A 244 -1.24 15.83 11.50
C ASP A 244 -2.21 14.66 11.69
N ASP A 245 -1.65 13.46 11.76
CA ASP A 245 -2.48 12.26 11.94
C ASP A 245 -3.09 12.24 13.33
N CYS A 246 -4.39 11.94 13.40
CA CYS A 246 -5.12 11.99 14.65
C CYS A 246 -4.42 11.19 15.75
N LEU A 247 -3.90 10.02 15.39
CA LEU A 247 -3.28 9.14 16.38
C LEU A 247 -1.94 9.66 16.89
N ILE A 248 -1.20 10.34 16.04
CA ILE A 248 0.11 10.88 16.41
C ILE A 248 0.03 12.03 17.42
N LYS A 249 -0.91 12.95 17.22
CA LYS A 249 -1.11 14.03 18.17
C LYS A 249 -1.37 13.48 19.56
N GLN A 250 -2.19 12.44 19.63
CA GLN A 250 -2.50 11.80 20.91
C GLN A 250 -1.26 11.24 21.56
N ARG A 251 -0.27 10.89 20.75
CA ARG A 251 1.00 10.38 21.25
C ARG A 251 1.89 11.53 21.72
N PHE A 252 1.63 12.72 21.21
CA PHE A 252 2.32 13.93 21.66
C PHE A 252 1.37 14.85 22.46
N PRO A 253 0.90 14.36 23.64
CA PRO A 253 0.00 15.15 24.46
C PRO A 253 0.54 16.56 24.67
N GLY A 254 -0.12 17.55 24.10
CA GLY A 254 0.28 18.94 24.26
C GLY A 254 1.44 19.28 23.35
N MET A 255 1.15 19.31 22.05
CA MET A 255 2.14 19.61 21.05
C MET A 255 1.41 19.93 19.75
N THR A 256 1.93 20.89 19.01
CA THR A 256 1.28 21.35 17.79
C THR A 256 1.74 20.57 16.56
N PRO A 257 0.90 20.53 15.52
CA PRO A 257 1.26 19.93 14.22
C PRO A 257 2.53 20.55 13.64
N ALA A 258 3.24 21.33 14.43
CA ALA A 258 4.48 21.96 13.99
C ALA A 258 5.60 21.74 15.00
N GLN A 259 5.24 21.38 16.22
CA GLN A 259 6.23 21.13 17.26
C GLN A 259 6.70 19.68 17.23
N ILE A 260 6.07 18.89 16.37
CA ILE A 260 6.46 17.51 16.20
C ILE A 260 7.15 17.32 14.85
N ARG A 261 6.81 18.16 13.87
CA ARG A 261 7.50 18.14 12.59
C ARG A 261 9.00 18.33 12.79
N ARG A 262 9.36 18.98 13.89
CA ARG A 262 10.75 19.28 14.19
C ARG A 262 11.26 18.30 15.21
N TYR A 263 10.35 17.50 15.75
CA TYR A 263 10.72 16.42 16.64
C TYR A 263 11.08 15.21 15.79
N ALA A 264 10.26 14.96 14.77
CA ALA A 264 10.49 13.85 13.85
C ALA A 264 11.55 14.19 12.82
N GLU A 265 12.24 15.30 13.02
CA GLU A 265 13.38 15.68 12.21
C GLU A 265 14.55 14.78 12.58
N ARG A 266 14.50 14.27 13.82
CA ARG A 266 15.57 13.48 14.40
C ARG A 266 15.59 12.06 13.85
N TRP A 267 14.66 11.75 12.94
CA TRP A 267 14.57 10.42 12.36
C TRP A 267 14.78 10.43 10.84
N LYS A 268 15.30 11.54 10.31
CA LYS A 268 15.69 11.61 8.90
C LYS A 268 16.82 10.61 8.65
N PRO A 269 16.80 9.93 7.51
CA PRO A 269 15.76 9.94 6.47
C PRO A 269 14.92 8.67 6.48
N TRP A 270 14.41 8.31 7.65
CA TRP A 270 13.61 7.09 7.82
C TRP A 270 12.30 7.42 8.53
N ARG A 271 11.68 8.53 8.15
CA ARG A 271 10.56 9.05 8.91
C ARG A 271 9.29 8.23 8.72
N SER A 272 9.18 7.60 7.56
CA SER A 272 8.08 6.67 7.33
C SER A 272 8.16 5.45 8.27
N TYR A 273 9.35 4.90 8.46
CA TYR A 273 9.52 3.76 9.37
C TYR A 273 9.33 4.22 10.80
N ALA A 274 9.64 5.50 11.05
CA ALA A 274 9.46 6.05 12.39
C ALA A 274 7.97 6.13 12.69
N LEU A 275 7.22 6.67 11.73
CA LEU A 275 5.77 6.80 11.84
C LEU A 275 5.08 5.48 12.16
N LEU A 276 5.42 4.43 11.41
CA LEU A 276 4.80 3.13 11.62
C LEU A 276 5.03 2.63 13.03
N HIS A 277 6.28 2.63 13.46
CA HIS A 277 6.59 2.18 14.81
C HIS A 277 5.68 2.88 15.80
N ILE A 278 5.59 4.20 15.67
CA ILE A 278 4.76 5.00 16.54
C ILE A 278 3.33 4.46 16.60
N TRP A 279 2.78 4.08 15.46
CA TRP A 279 1.41 3.57 15.44
C TRP A 279 1.29 2.25 16.18
N TYR A 280 2.07 1.28 15.73
CA TYR A 280 1.90 -0.08 16.19
C TYR A 280 2.75 -0.45 17.39
N THR A 281 3.45 0.53 17.95
CA THR A 281 4.15 0.31 19.20
C THR A 281 3.37 1.02 20.32
N GLU A 282 2.71 0.22 21.14
CA GLU A 282 1.69 0.69 22.07
C GLU A 282 2.24 1.55 23.22
N GLY A 283 3.16 0.97 23.98
CA GLY A 283 3.69 1.62 25.16
C GLY A 283 4.81 2.60 24.87
N TRP A 284 4.78 3.19 23.69
CA TRP A 284 5.82 4.16 23.33
C TRP A 284 5.43 5.56 23.75
N GLN A 285 6.30 6.20 24.53
CA GLN A 285 6.12 7.60 24.92
C GLN A 285 7.33 8.43 24.49
N PRO A 286 7.07 9.51 23.73
CA PRO A 286 8.12 10.39 23.20
C PRO A 286 9.09 10.87 24.27
N ASP A 287 10.31 11.20 23.85
CA ASP A 287 11.30 11.78 24.75
C ASP A 287 10.96 13.26 24.97
N GLU A 288 10.44 13.57 26.14
CA GLU A 288 10.17 14.94 26.53
C GLU A 288 11.45 15.58 27.07
#